data_4ZQP
#
_entry.id   4ZQP
#
_cell.length_a   88.225
_cell.length_b   88.225
_cell.length_c   84.630
_cell.angle_alpha   90.00
_cell.angle_beta   90.00
_cell.angle_gamma   90.00
#
_symmetry.space_group_name_H-M   'I 4'
#
loop_
_entity.id
_entity.type
_entity.pdbx_description
1 polymer "Inosine-5'-monophosphate dehydrogenase,Inosine-5'-monophosphate dehydrogenase"
2 non-polymer 'INOSINIC ACID'
3 non-polymer "5'-O-({1-[(2E)-4-(4-hydroxy-6-methoxy-7-methyl-3-oxo-1,3-dihydro-2-benzofuran-5-yl)-2-methylbut-2-en-1-yl]-1H-1,2,3-triazol-4-yl}methyl)adenosine"
4 non-polymer 'POTASSIUM ION'
5 non-polymer 'PHOSPHATE ION'
6 non-polymer GLYCEROL
7 non-polymer S-1,2-PROPANEDIOL
8 water water
#
_entity_poly.entity_id   1
_entity_poly.type   'polypeptide(L)'
_entity_poly.pdbx_seq_one_letter_code
;SNAMSRGMSGLEDSSDLVVSPYVRMGGLTTDPVPTGGDDPHKVAMLGLTFDDVLLLPAASDVVPATADTSSQLTKKIRLK
VPLVSSAMDTVTESRMAIAMARAGGMGVLHRNLPVAEQAGQVEMVKRSGGLLVGAAVGVGGDAWVRAMMLVDAGVDVLVV
DTAHAHNRLVLDMVGKLKSEVGDRVEVVGGNVATRSAAAALVDAGADAVKVGVGPGSICTTRVVAGVGAPQITAILEAVA
ACRPAGVPVIADGGLQYSGDIAKALAAGASTAMLGSLLAGTAEAPGELIFVNGKQYKSYRGMGSLGAMRGRGGATSYSKD
RYFADDALSEDKLVPEGIEGRVPFRGPLSSVIHQLTGGLRAAMGYTGSPTIEVLQQAQFVRITPAGLKESHPHDVAMTVE
APNYYAR
;
_entity_poly.pdbx_strand_id   A
#
# COMPACT_ATOMS: atom_id res chain seq x y z
N ASP A 31 16.88 2.54 21.80
CA ASP A 31 15.94 2.10 22.82
C ASP A 31 16.62 2.06 24.20
N PRO A 32 16.27 3.02 25.08
CA PRO A 32 16.94 3.26 26.37
C PRO A 32 16.85 2.13 27.40
N VAL A 33 15.68 1.52 27.57
CA VAL A 33 15.45 0.55 28.66
C VAL A 33 16.27 -0.73 28.51
N PRO A 34 16.86 -1.22 29.62
CA PRO A 34 17.67 -2.47 29.60
C PRO A 34 16.82 -3.73 29.41
N THR A 35 17.14 -4.48 28.37
CA THR A 35 16.35 -5.64 27.98
C THR A 35 17.26 -6.86 27.77
N GLY A 36 18.53 -6.73 28.10
CA GLY A 36 19.41 -7.89 28.10
C GLY A 36 20.66 -7.70 27.27
N GLY A 37 21.77 -8.24 27.78
CA GLY A 37 23.05 -8.16 27.07
C GLY A 37 23.74 -6.82 27.31
N ASP A 38 24.85 -6.61 26.61
N ASP A 38 24.86 -6.58 26.61
CA ASP A 38 25.70 -5.45 26.81
CA ASP A 38 25.64 -5.37 26.81
C ASP A 38 25.75 -4.53 25.59
C ASP A 38 25.44 -4.34 25.72
N ASP A 39 24.91 -4.81 24.59
CA ASP A 39 24.86 -3.98 23.38
C ASP A 39 23.57 -3.16 23.31
N PRO A 40 23.69 -1.83 23.47
CA PRO A 40 22.49 -0.98 23.46
C PRO A 40 21.81 -0.91 22.08
N HIS A 41 22.52 -1.28 21.02
CA HIS A 41 21.95 -1.27 19.68
C HIS A 41 21.31 -2.59 19.21
N LYS A 42 21.40 -3.63 20.03
CA LYS A 42 20.80 -4.93 19.68
C LYS A 42 19.28 -4.82 19.48
N VAL A 43 18.61 -4.16 20.42
CA VAL A 43 17.19 -3.85 20.28
C VAL A 43 17.14 -2.34 19.99
N ALA A 44 17.00 -2.00 18.71
CA ALA A 44 17.43 -0.70 18.21
C ALA A 44 16.37 0.40 18.34
N MET A 45 15.09 0.03 18.37
CA MET A 45 14.04 1.01 18.65
C MET A 45 12.71 0.33 18.94
N LEU A 46 11.72 1.16 19.27
CA LEU A 46 10.37 0.69 19.54
C LEU A 46 9.51 0.90 18.31
N GLY A 47 8.99 -0.18 17.74
CA GLY A 47 8.18 -0.07 16.53
C GLY A 47 6.70 0.13 16.83
N LEU A 48 6.12 1.15 16.20
CA LEU A 48 4.70 1.47 16.32
C LEU A 48 3.93 1.09 15.08
N THR A 49 2.67 0.69 15.20
CA THR A 49 1.88 0.66 13.97
C THR A 49 0.60 1.45 14.13
N PHE A 50 -0.32 1.29 13.20
CA PHE A 50 -1.48 2.21 13.13
C PHE A 50 -2.25 2.32 14.45
N ASP A 51 -2.57 1.18 15.01
CA ASP A 51 -3.34 1.14 16.27
C ASP A 51 -2.58 1.73 17.48
N ASP A 52 -1.29 2.03 17.33
CA ASP A 52 -0.51 2.62 18.42
C ASP A 52 -0.62 4.14 18.51
N VAL A 53 -1.17 4.79 17.47
CA VAL A 53 -1.14 6.25 17.40
C VAL A 53 -2.48 6.85 16.98
N LEU A 54 -2.69 8.11 17.38
CA LEU A 54 -3.78 8.94 16.87
C LEU A 54 -3.20 10.23 16.36
N LEU A 55 -3.86 10.81 15.37
CA LEU A 55 -3.52 12.15 14.91
C LEU A 55 -4.05 13.20 15.88
N LEU A 56 -3.25 14.19 16.23
CA LEU A 56 -3.75 15.25 17.10
C LEU A 56 -4.52 16.29 16.27
N PRO A 57 -5.73 16.65 16.73
CA PRO A 57 -6.41 17.77 16.06
C PRO A 57 -5.59 19.05 16.19
N ALA A 58 -5.75 19.96 15.25
CA ALA A 58 -5.00 21.20 15.26
C ALA A 58 -5.91 22.34 14.80
N ALA A 59 -5.42 23.57 14.90
CA ALA A 59 -6.12 24.74 14.40
C ALA A 59 -6.38 24.53 12.91
N SER A 60 -7.61 24.83 12.51
CA SER A 60 -8.08 24.47 11.18
C SER A 60 -9.01 25.49 10.57
N ASP A 61 -8.79 25.81 9.30
N ASP A 61 -8.74 25.80 9.31
CA ASP A 61 -9.77 26.52 8.51
CA ASP A 61 -9.67 26.53 8.45
C ASP A 61 -10.20 25.62 7.34
C ASP A 61 -9.97 25.63 7.26
N VAL A 62 -9.97 24.32 7.51
CA VAL A 62 -10.29 23.31 6.50
C VAL A 62 -11.52 22.54 6.94
N VAL A 63 -12.45 22.31 6.01
CA VAL A 63 -13.54 21.37 6.30
C VAL A 63 -13.40 20.24 5.30
N PRO A 64 -14.01 19.06 5.59
CA PRO A 64 -13.80 17.92 4.69
C PRO A 64 -14.08 18.28 3.22
N ALA A 65 -15.11 19.09 3.00
CA ALA A 65 -15.46 19.49 1.64
C ALA A 65 -14.34 20.25 0.93
N THR A 66 -13.50 20.99 1.66
CA THR A 66 -12.55 21.85 0.96
C THR A 66 -11.15 21.24 0.91
N ALA A 67 -10.96 20.13 1.61
CA ALA A 67 -9.69 19.41 1.56
C ALA A 67 -9.33 19.03 0.10
N ASP A 68 -8.04 18.95 -0.20
CA ASP A 68 -7.55 18.53 -1.53
C ASP A 68 -6.77 17.27 -1.29
N THR A 69 -7.29 16.14 -1.75
CA THR A 69 -6.68 14.85 -1.46
C THR A 69 -5.63 14.42 -2.50
N SER A 70 -5.30 15.25 -3.48
CA SER A 70 -4.32 14.81 -4.49
C SER A 70 -2.91 14.58 -3.87
N SER A 71 -2.13 13.70 -4.47
CA SER A 71 -0.83 13.36 -3.94
C SER A 71 0.02 12.64 -5.00
N GLN A 72 1.34 12.70 -4.85
CA GLN A 72 2.25 12.04 -5.78
C GLN A 72 2.27 10.53 -5.58
N LEU A 73 1.96 9.80 -6.65
CA LEU A 73 2.25 8.38 -6.66
C LEU A 73 3.75 8.16 -6.86
N THR A 74 4.31 8.88 -7.83
CA THR A 74 5.74 8.82 -8.13
C THR A 74 6.23 10.22 -8.38
N LYS A 75 7.52 10.34 -8.68
CA LYS A 75 8.08 11.65 -9.01
C LYS A 75 7.26 12.38 -10.09
N LYS A 76 6.82 11.65 -11.12
CA LYS A 76 6.14 12.27 -12.26
C LYS A 76 4.61 12.14 -12.26
N ILE A 77 4.07 11.28 -11.41
CA ILE A 77 2.64 10.98 -11.50
C ILE A 77 1.90 11.42 -10.24
N ARG A 78 0.92 12.33 -10.40
CA ARG A 78 0.08 12.74 -9.28
C ARG A 78 -1.33 12.14 -9.41
N LEU A 79 -1.84 11.54 -8.34
CA LEU A 79 -3.20 11.01 -8.29
C LEU A 79 -4.17 12.02 -7.65
N LYS A 80 -5.45 11.94 -8.01
CA LYS A 80 -6.47 12.80 -7.37
C LYS A 80 -6.81 12.24 -6.00
N VAL A 81 -6.71 10.91 -5.86
CA VAL A 81 -7.03 10.21 -4.62
C VAL A 81 -5.85 9.29 -4.31
N PRO A 82 -5.26 9.37 -3.09
CA PRO A 82 -3.93 8.81 -2.84
C PRO A 82 -3.93 7.32 -2.51
N LEU A 83 -4.64 6.57 -3.34
CA LEU A 83 -4.91 5.16 -3.09
C LEU A 83 -4.57 4.30 -4.31
N VAL A 84 -3.97 3.15 -4.04
N VAL A 84 -3.94 3.16 -4.09
CA VAL A 84 -3.55 2.19 -5.05
CA VAL A 84 -3.67 2.24 -5.18
C VAL A 84 -4.09 0.81 -4.65
C VAL A 84 -3.98 0.82 -4.72
N SER A 85 -4.53 0.00 -5.62
CA SER A 85 -4.92 -1.37 -5.29
C SER A 85 -3.72 -2.30 -5.42
N SER A 86 -3.62 -3.27 -4.50
CA SER A 86 -2.53 -4.24 -4.45
C SER A 86 -2.40 -5.08 -5.71
N ALA A 87 -1.16 -5.43 -6.03
CA ALA A 87 -0.89 -6.29 -7.17
C ALA A 87 -1.05 -7.76 -6.79
N MET A 88 -2.29 -8.18 -6.62
CA MET A 88 -2.63 -9.50 -6.11
C MET A 88 -3.68 -10.14 -7.00
N ASP A 89 -3.65 -11.46 -7.19
CA ASP A 89 -4.60 -12.07 -8.12
C ASP A 89 -6.01 -12.18 -7.54
N THR A 90 -6.22 -11.74 -6.30
CA THR A 90 -7.58 -11.64 -5.77
C THR A 90 -7.99 -10.18 -5.52
N VAL A 91 -7.23 -9.24 -6.10
CA VAL A 91 -7.51 -7.82 -5.91
C VAL A 91 -7.52 -7.07 -7.25
N THR A 92 -6.46 -7.16 -8.06
CA THR A 92 -6.40 -6.28 -9.22
C THR A 92 -6.15 -6.96 -10.57
N GLU A 93 -7.22 -7.09 -11.35
CA GLU A 93 -7.09 -7.29 -12.80
C GLU A 93 -7.70 -6.06 -13.47
N SER A 94 -8.07 -6.15 -14.74
CA SER A 94 -8.36 -4.91 -15.45
C SER A 94 -9.59 -4.17 -14.93
N ARG A 95 -10.60 -4.91 -14.47
CA ARG A 95 -11.83 -4.29 -13.94
C ARG A 95 -11.53 -3.40 -12.74
N MET A 96 -10.70 -3.93 -11.84
CA MET A 96 -10.26 -3.16 -10.68
C MET A 96 -9.39 -1.97 -11.08
N ALA A 97 -8.47 -2.20 -12.01
CA ALA A 97 -7.59 -1.13 -12.47
C ALA A 97 -8.41 0.01 -13.10
N ILE A 98 -9.40 -0.34 -13.90
CA ILE A 98 -10.23 0.66 -14.54
C ILE A 98 -10.99 1.46 -13.48
N ALA A 99 -11.61 0.77 -12.52
CA ALA A 99 -12.44 1.44 -11.53
C ALA A 99 -11.63 2.35 -10.61
N MET A 100 -10.44 1.88 -10.22
CA MET A 100 -9.54 2.67 -9.37
C MET A 100 -9.09 3.95 -10.07
N ALA A 101 -8.70 3.84 -11.34
CA ALA A 101 -8.32 5.02 -12.13
C ALA A 101 -9.49 6.00 -12.24
N ARG A 102 -10.70 5.50 -12.51
CA ARG A 102 -11.83 6.41 -12.64
C ARG A 102 -12.17 7.08 -11.30
N ALA A 103 -11.83 6.44 -10.20
CA ALA A 103 -12.11 6.99 -8.89
C ALA A 103 -11.01 7.97 -8.47
N GLY A 104 -10.01 8.15 -9.33
CA GLY A 104 -8.94 9.09 -9.04
C GLY A 104 -7.66 8.48 -8.46
N GLY A 105 -7.63 7.16 -8.30
CA GLY A 105 -6.43 6.45 -7.87
C GLY A 105 -5.78 5.65 -8.99
N MET A 106 -5.23 4.48 -8.65
CA MET A 106 -4.61 3.62 -9.67
C MET A 106 -4.61 2.15 -9.25
N GLY A 107 -4.68 1.24 -10.21
CA GLY A 107 -4.48 -0.16 -9.90
C GLY A 107 -3.11 -0.65 -10.34
N VAL A 108 -2.54 -1.59 -9.60
CA VAL A 108 -1.35 -2.27 -10.06
C VAL A 108 -1.70 -3.71 -10.41
N LEU A 109 -1.64 -4.02 -11.70
CA LEU A 109 -2.01 -5.34 -12.19
C LEU A 109 -1.05 -6.42 -11.70
N HIS A 110 -1.59 -7.51 -11.17
CA HIS A 110 -0.75 -8.58 -10.61
C HIS A 110 -0.03 -9.34 -11.74
N ARG A 111 1.03 -10.06 -11.35
CA ARG A 111 1.89 -10.77 -12.28
C ARG A 111 1.83 -12.31 -12.17
N ASN A 112 0.78 -12.83 -11.52
CA ASN A 112 0.58 -14.28 -11.45
C ASN A 112 -0.21 -14.77 -12.66
N LEU A 113 0.29 -14.49 -13.85
CA LEU A 113 -0.36 -14.88 -15.08
C LEU A 113 0.63 -14.67 -16.23
N PRO A 114 0.42 -15.33 -17.37
CA PRO A 114 1.34 -15.23 -18.50
C PRO A 114 1.58 -13.78 -18.94
N VAL A 115 2.73 -13.52 -19.53
CA VAL A 115 3.10 -12.15 -19.87
C VAL A 115 2.12 -11.52 -20.89
N ALA A 116 1.73 -12.29 -21.90
CA ALA A 116 0.80 -11.79 -22.91
C ALA A 116 -0.54 -11.41 -22.31
N GLU A 117 -0.93 -12.10 -21.25
CA GLU A 117 -2.21 -11.81 -20.62
C GLU A 117 -2.14 -10.56 -19.75
N GLN A 118 -1.02 -10.36 -19.04
CA GLN A 118 -0.85 -9.18 -18.22
C GLN A 118 -0.76 -7.95 -19.12
N ALA A 119 -0.05 -8.12 -20.22
CA ALA A 119 0.07 -7.04 -21.20
C ALA A 119 -1.28 -6.69 -21.82
N GLY A 120 -2.07 -7.71 -22.14
CA GLY A 120 -3.40 -7.49 -22.70
C GLY A 120 -4.27 -6.72 -21.73
N GLN A 121 -4.15 -7.01 -20.44
CA GLN A 121 -4.95 -6.29 -19.46
C GLN A 121 -4.54 -4.83 -19.38
N VAL A 122 -3.24 -4.56 -19.53
CA VAL A 122 -2.75 -3.17 -19.60
C VAL A 122 -3.46 -2.45 -20.77
N GLU A 123 -3.57 -3.13 -21.90
CA GLU A 123 -4.21 -2.55 -23.08
C GLU A 123 -5.70 -2.31 -22.84
N MET A 124 -6.39 -3.26 -22.21
CA MET A 124 -7.79 -3.07 -21.80
C MET A 124 -7.98 -1.79 -20.97
N VAL A 125 -7.07 -1.53 -20.05
CA VAL A 125 -7.22 -0.32 -19.25
C VAL A 125 -6.93 0.92 -20.12
N LYS A 126 -5.82 0.88 -20.85
CA LYS A 126 -5.43 2.00 -21.70
C LYS A 126 -6.47 2.39 -22.73
N ARG A 127 -7.28 1.44 -23.17
CA ARG A 127 -8.28 1.77 -24.16
C ARG A 127 -9.65 2.05 -23.55
N SER A 128 -9.68 2.27 -22.24
CA SER A 128 -10.89 2.74 -21.55
C SER A 128 -10.77 4.20 -21.13
N GLY A 129 -10.17 5.03 -21.98
CA GLY A 129 -10.01 6.44 -21.67
C GLY A 129 -8.60 6.94 -21.36
N GLY A 130 -7.58 6.12 -21.62
CA GLY A 130 -6.21 6.56 -21.37
C GLY A 130 -5.93 6.70 -19.87
N LEU A 131 -6.73 5.99 -19.09
CA LEU A 131 -6.53 5.83 -17.65
C LEU A 131 -5.10 5.43 -17.30
N LEU A 132 -4.64 5.88 -16.13
CA LEU A 132 -3.36 5.46 -15.60
C LEU A 132 -3.41 3.99 -15.18
N VAL A 133 -2.31 3.27 -15.38
CA VAL A 133 -2.27 1.91 -14.87
C VAL A 133 -0.84 1.49 -14.53
N GLY A 134 -0.69 0.64 -13.52
CA GLY A 134 0.61 0.07 -13.22
C GLY A 134 0.58 -1.44 -13.34
N ALA A 135 1.76 -2.06 -13.33
CA ALA A 135 1.82 -3.50 -13.42
C ALA A 135 3.01 -4.01 -12.65
N ALA A 136 2.85 -5.12 -11.95
CA ALA A 136 3.96 -5.72 -11.21
C ALA A 136 4.86 -6.59 -12.08
N VAL A 137 6.17 -6.55 -11.78
CA VAL A 137 7.15 -7.51 -12.31
C VAL A 137 8.05 -8.00 -11.18
N GLY A 138 8.74 -9.11 -11.42
CA GLY A 138 9.64 -9.70 -10.43
C GLY A 138 11.06 -9.31 -10.75
N VAL A 139 11.99 -10.23 -10.50
N VAL A 139 11.99 -10.20 -10.46
CA VAL A 139 13.42 -9.99 -10.70
CA VAL A 139 13.39 -9.96 -10.78
C VAL A 139 14.03 -11.13 -11.53
C VAL A 139 13.85 -11.09 -11.70
N GLY A 140 14.83 -10.81 -12.54
CA GLY A 140 15.38 -11.84 -13.42
C GLY A 140 15.10 -11.64 -14.91
N GLY A 141 15.60 -12.57 -15.72
CA GLY A 141 15.34 -12.61 -17.15
C GLY A 141 13.88 -12.66 -17.57
N ASP A 142 13.07 -13.54 -16.98
CA ASP A 142 11.64 -13.62 -17.34
C ASP A 142 10.89 -12.33 -16.93
N ALA A 143 11.29 -11.76 -15.80
CA ALA A 143 10.69 -10.53 -15.31
C ALA A 143 11.04 -9.39 -16.26
N TRP A 144 12.26 -9.42 -16.79
CA TRP A 144 12.70 -8.39 -17.72
C TRP A 144 11.90 -8.44 -19.02
N VAL A 145 11.72 -9.64 -19.57
CA VAL A 145 10.86 -9.80 -20.75
C VAL A 145 9.43 -9.30 -20.45
N ARG A 146 8.92 -9.64 -19.26
CA ARG A 146 7.60 -9.20 -18.84
C ARG A 146 7.57 -7.67 -18.85
N ALA A 147 8.58 -7.07 -18.23
CA ALA A 147 8.63 -5.60 -18.16
C ALA A 147 8.60 -4.93 -19.55
N MET A 148 9.39 -5.45 -20.50
CA MET A 148 9.48 -4.85 -21.83
C MET A 148 8.15 -4.92 -22.56
N MET A 149 7.45 -6.04 -22.38
N MET A 149 7.44 -6.03 -22.38
CA MET A 149 6.14 -6.23 -22.97
CA MET A 149 6.13 -6.19 -23.03
C MET A 149 5.11 -5.27 -22.38
C MET A 149 5.07 -5.31 -22.37
N LEU A 150 5.21 -5.07 -21.07
CA LEU A 150 4.30 -4.16 -20.38
C LEU A 150 4.51 -2.73 -20.86
N VAL A 151 5.78 -2.32 -20.98
CA VAL A 151 6.09 -0.99 -21.49
C VAL A 151 5.52 -0.85 -22.90
N ASP A 152 5.72 -1.87 -23.74
CA ASP A 152 5.16 -1.86 -25.09
C ASP A 152 3.62 -1.72 -25.09
N ALA A 153 2.97 -2.34 -24.12
CA ALA A 153 1.50 -2.26 -24.00
C ALA A 153 1.02 -0.87 -23.51
N GLY A 154 1.95 -0.04 -23.04
CA GLY A 154 1.61 1.31 -22.63
C GLY A 154 1.47 1.52 -21.12
N VAL A 155 2.05 0.64 -20.33
CA VAL A 155 1.92 0.77 -18.86
C VAL A 155 2.56 2.09 -18.41
N ASP A 156 2.03 2.71 -17.37
CA ASP A 156 2.57 3.99 -16.89
C ASP A 156 3.60 3.78 -15.77
N VAL A 157 3.39 2.72 -14.98
CA VAL A 157 4.22 2.45 -13.82
C VAL A 157 4.58 0.98 -13.79
N LEU A 158 5.88 0.69 -13.70
CA LEU A 158 6.34 -0.66 -13.38
C LEU A 158 6.64 -0.78 -11.89
N VAL A 159 6.10 -1.80 -11.25
CA VAL A 159 6.37 -2.00 -9.82
C VAL A 159 7.23 -3.25 -9.68
N VAL A 160 8.47 -3.07 -9.24
CA VAL A 160 9.33 -4.21 -8.98
C VAL A 160 8.85 -4.75 -7.65
N ASP A 161 8.18 -5.88 -7.72
CA ASP A 161 7.28 -6.38 -6.68
C ASP A 161 7.94 -7.53 -5.89
N THR A 162 8.64 -7.21 -4.80
CA THR A 162 9.44 -8.21 -4.06
C THR A 162 9.27 -8.12 -2.55
N ALA A 163 9.56 -9.22 -1.87
CA ALA A 163 9.47 -9.29 -0.40
C ALA A 163 10.59 -8.51 0.27
N HIS A 164 11.71 -8.33 -0.41
CA HIS A 164 12.91 -7.75 0.22
C HIS A 164 13.73 -6.98 -0.79
N ALA A 165 13.47 -5.68 -0.91
CA ALA A 165 14.12 -4.88 -1.95
C ALA A 165 15.55 -4.51 -1.58
N HIS A 166 15.94 -4.75 -0.33
CA HIS A 166 17.33 -4.53 0.06
C HIS A 166 18.25 -5.69 -0.38
N ASN A 167 17.69 -6.69 -1.03
CA ASN A 167 18.56 -7.66 -1.69
C ASN A 167 19.20 -7.00 -2.90
N ARG A 168 20.48 -7.24 -3.12
CA ARG A 168 21.22 -6.64 -4.25
C ARG A 168 20.64 -6.90 -5.67
N LEU A 169 20.02 -8.06 -5.84
CA LEU A 169 19.38 -8.43 -7.12
C LEU A 169 18.19 -7.50 -7.49
N VAL A 170 17.47 -7.09 -6.47
CA VAL A 170 16.34 -6.19 -6.64
C VAL A 170 16.81 -4.78 -7.00
N LEU A 171 17.83 -4.30 -6.31
CA LEU A 171 18.35 -2.96 -6.58
C LEU A 171 18.90 -2.92 -8.01
N ASP A 172 19.51 -4.03 -8.44
CA ASP A 172 20.00 -4.15 -9.82
C ASP A 172 18.83 -4.08 -10.81
N MET A 173 17.74 -4.77 -10.52
CA MET A 173 16.58 -4.77 -11.40
C MET A 173 16.00 -3.36 -11.55
N VAL A 174 15.85 -2.69 -10.42
CA VAL A 174 15.33 -1.32 -10.43
C VAL A 174 16.24 -0.39 -11.24
N GLY A 175 17.55 -0.47 -10.99
CA GLY A 175 18.47 0.42 -11.66
C GLY A 175 18.54 0.18 -13.16
N LYS A 176 18.46 -1.09 -13.58
CA LYS A 176 18.55 -1.40 -15.00
C LYS A 176 17.27 -1.00 -15.76
N LEU A 177 16.11 -1.22 -15.15
CA LEU A 177 14.84 -0.76 -15.74
C LEU A 177 14.82 0.75 -15.92
N LYS A 178 15.24 1.46 -14.88
CA LYS A 178 15.26 2.92 -14.95
C LYS A 178 16.22 3.38 -16.04
N SER A 179 17.35 2.68 -16.20
CA SER A 179 18.29 2.98 -17.27
C SER A 179 17.72 2.73 -18.65
N GLU A 180 17.04 1.62 -18.81
CA GLU A 180 16.64 1.21 -20.15
C GLU A 180 15.34 1.87 -20.56
N VAL A 181 14.37 1.92 -19.68
CA VAL A 181 13.04 2.40 -20.08
C VAL A 181 12.54 3.54 -19.22
N GLY A 182 13.42 4.11 -18.40
CA GLY A 182 13.02 5.10 -17.41
C GLY A 182 12.54 6.41 -17.99
N ASP A 183 12.78 6.60 -19.29
CA ASP A 183 12.24 7.77 -19.96
C ASP A 183 10.77 7.60 -20.35
N ARG A 184 10.32 6.36 -20.50
N ARG A 184 10.35 6.35 -20.48
CA ARG A 184 8.94 6.12 -20.92
CA ARG A 184 9.00 6.03 -20.94
C ARG A 184 8.05 5.66 -19.78
C ARG A 184 8.07 5.69 -19.78
N VAL A 185 8.66 5.25 -18.66
CA VAL A 185 7.86 4.66 -17.61
C VAL A 185 8.43 5.00 -16.23
N GLU A 186 7.57 5.08 -15.24
CA GLU A 186 8.02 5.28 -13.87
C GLU A 186 8.30 3.91 -13.26
N VAL A 187 9.33 3.82 -12.42
CA VAL A 187 9.72 2.53 -11.85
C VAL A 187 9.67 2.59 -10.32
N VAL A 188 8.77 1.80 -9.74
CA VAL A 188 8.62 1.72 -8.29
C VAL A 188 9.38 0.50 -7.77
N GLY A 189 9.99 0.62 -6.60
CA GLY A 189 10.73 -0.50 -6.03
C GLY A 189 10.21 -0.77 -4.62
N GLY A 190 10.17 -2.03 -4.23
CA GLY A 190 9.78 -2.40 -2.86
C GLY A 190 9.90 -3.91 -2.73
N ASN A 191 9.65 -4.42 -1.53
CA ASN A 191 9.27 -3.60 -0.36
C ASN A 191 10.40 -3.42 0.65
N VAL A 192 10.32 -2.35 1.43
CA VAL A 192 11.34 -2.08 2.43
C VAL A 192 10.70 -1.80 3.80
N ALA A 193 11.49 -1.83 4.85
CA ALA A 193 10.96 -1.50 6.18
C ALA A 193 11.98 -0.72 6.97
N THR A 194 13.05 -0.28 6.31
CA THR A 194 14.13 0.44 6.98
C THR A 194 14.55 1.67 6.19
N ARG A 195 15.21 2.57 6.90
CA ARG A 195 15.77 3.77 6.33
C ARG A 195 16.86 3.40 5.32
N SER A 196 17.75 2.49 5.71
CA SER A 196 18.86 2.14 4.80
C SER A 196 18.37 1.48 3.52
N ALA A 197 17.31 0.67 3.61
CA ALA A 197 16.80 0.02 2.42
C ALA A 197 16.12 1.05 1.49
N ALA A 198 15.37 1.98 2.07
CA ALA A 198 14.76 3.06 1.27
C ALA A 198 15.87 3.87 0.59
N ALA A 199 16.94 4.20 1.34
CA ALA A 199 18.06 4.94 0.76
C ALA A 199 18.71 4.19 -0.41
N ALA A 200 18.82 2.87 -0.31
CA ALA A 200 19.43 2.09 -1.40
C ALA A 200 18.57 2.12 -2.67
N LEU A 201 17.26 2.01 -2.51
CA LEU A 201 16.33 2.15 -3.64
C LEU A 201 16.39 3.54 -4.26
N VAL A 202 16.47 4.58 -3.44
CA VAL A 202 16.63 5.94 -3.99
C VAL A 202 17.90 6.08 -4.83
N ASP A 203 19.01 5.52 -4.32
N ASP A 203 19.00 5.53 -4.32
CA ASP A 203 20.27 5.59 -5.05
CA ASP A 203 20.27 5.59 -5.05
C ASP A 203 20.23 4.72 -6.32
C ASP A 203 20.20 4.74 -6.33
N ALA A 204 19.40 3.67 -6.29
CA ALA A 204 19.20 2.81 -7.46
C ALA A 204 18.36 3.49 -8.54
N GLY A 205 17.70 4.59 -8.17
CA GLY A 205 16.93 5.38 -9.12
C GLY A 205 15.42 5.24 -9.03
N ALA A 206 14.90 4.67 -7.93
CA ALA A 206 13.45 4.47 -7.81
C ALA A 206 12.68 5.77 -7.91
N ASP A 207 11.54 5.72 -8.58
CA ASP A 207 10.67 6.89 -8.71
C ASP A 207 9.69 6.95 -7.55
N ALA A 208 9.51 5.82 -6.88
CA ALA A 208 8.86 5.78 -5.56
C ALA A 208 9.33 4.54 -4.83
N VAL A 209 9.15 4.56 -3.51
CA VAL A 209 9.57 3.46 -2.62
C VAL A 209 8.36 2.89 -1.85
N LYS A 210 8.17 1.58 -1.93
CA LYS A 210 7.01 0.99 -1.34
C LYS A 210 7.42 0.37 0.01
N VAL A 211 6.69 0.71 1.06
CA VAL A 211 7.05 0.31 2.43
C VAL A 211 6.08 -0.71 2.96
N GLY A 212 6.62 -1.79 3.52
CA GLY A 212 5.77 -2.81 4.11
C GLY A 212 6.43 -4.16 4.05
N VAL A 213 7.02 -4.59 5.16
CA VAL A 213 7.52 -5.95 5.22
C VAL A 213 6.74 -6.67 6.33
N GLY A 214 5.78 -7.49 5.91
CA GLY A 214 4.98 -8.24 6.87
C GLY A 214 3.64 -7.75 7.42
N PRO A 215 3.23 -6.49 7.16
CA PRO A 215 1.99 -6.09 7.85
C PRO A 215 0.70 -6.53 7.17
N GLY A 216 0.81 -7.15 5.99
CA GLY A 216 -0.37 -7.52 5.21
C GLY A 216 -1.32 -8.41 6.01
N SER A 217 -2.63 -8.23 5.80
CA SER A 217 -3.63 -9.04 6.51
C SER A 217 -3.48 -10.55 6.24
N ILE A 218 -3.02 -10.92 5.05
CA ILE A 218 -2.86 -12.32 4.68
C ILE A 218 -1.41 -12.79 4.79
N CYS A 219 -0.55 -11.95 5.35
CA CYS A 219 0.89 -12.18 5.39
C CYS A 219 1.34 -12.95 6.65
N THR A 220 2.25 -13.90 6.48
CA THR A 220 2.82 -14.59 7.65
C THR A 220 4.33 -14.42 7.78
N THR A 221 4.92 -13.59 6.92
CA THR A 221 6.36 -13.38 6.92
C THR A 221 6.90 -13.09 8.32
N ARG A 222 6.21 -12.26 9.09
CA ARG A 222 6.71 -11.91 10.43
C ARG A 222 6.67 -13.07 11.43
N VAL A 223 5.89 -14.09 11.12
CA VAL A 223 5.74 -15.23 12.00
C VAL A 223 6.67 -16.36 11.55
N VAL A 224 6.75 -16.52 10.24
CA VAL A 224 7.45 -17.62 9.59
C VAL A 224 8.94 -17.35 9.50
N ALA A 225 9.27 -16.09 9.25
CA ALA A 225 10.66 -15.67 9.16
C ALA A 225 11.06 -14.89 10.40
N GLY A 226 10.08 -14.27 11.08
CA GLY A 226 10.36 -13.52 12.29
C GLY A 226 10.87 -12.12 12.01
N VAL A 227 10.65 -11.68 10.77
CA VAL A 227 11.26 -10.48 10.24
C VAL A 227 10.22 -9.38 9.93
N GLY A 228 10.55 -8.13 10.19
CA GLY A 228 9.72 -7.02 9.70
C GLY A 228 9.90 -5.79 10.56
N ALA A 229 9.05 -4.79 10.37
CA ALA A 229 9.00 -3.66 11.29
C ALA A 229 7.56 -3.13 11.27
N PRO A 230 7.05 -2.76 12.45
CA PRO A 230 5.69 -2.21 12.56
C PRO A 230 5.50 -1.02 11.61
N GLN A 231 4.31 -0.91 11.02
CA GLN A 231 4.22 -0.14 9.77
C GLN A 231 4.35 1.39 9.95
N ILE A 232 3.96 1.94 11.10
CA ILE A 232 4.14 3.40 11.27
C ILE A 232 5.63 3.78 11.37
N THR A 233 6.35 3.04 12.19
CA THR A 233 7.79 3.19 12.30
C THR A 233 8.49 2.92 10.96
N ALA A 234 8.09 1.87 10.24
CA ALA A 234 8.67 1.59 8.92
C ALA A 234 8.49 2.79 7.97
N ILE A 235 7.29 3.42 7.98
CA ILE A 235 7.09 4.61 7.15
C ILE A 235 7.96 5.78 7.61
N LEU A 236 7.99 6.06 8.91
CA LEU A 236 8.79 7.18 9.44
C LEU A 236 10.26 7.03 9.06
N GLU A 237 10.75 5.81 9.14
CA GLU A 237 12.14 5.56 8.78
C GLU A 237 12.38 5.70 7.26
N ALA A 238 11.53 5.09 6.44
CA ALA A 238 11.71 5.18 4.98
C ALA A 238 11.62 6.62 4.51
N VAL A 239 10.62 7.33 5.03
CA VAL A 239 10.45 8.75 4.73
C VAL A 239 11.69 9.58 5.07
N ALA A 240 12.35 9.27 6.18
CA ALA A 240 13.57 10.00 6.52
C ALA A 240 14.65 9.88 5.39
N ALA A 241 14.59 8.82 4.60
CA ALA A 241 15.50 8.66 3.47
C ALA A 241 14.92 9.25 2.17
N CYS A 242 13.62 9.07 1.98
CA CYS A 242 13.01 9.38 0.69
C CYS A 242 12.61 10.83 0.57
N ARG A 243 12.10 11.39 1.66
CA ARG A 243 11.62 12.77 1.61
C ARG A 243 12.74 13.74 1.20
N PRO A 244 13.92 13.64 1.84
CA PRO A 244 14.93 14.60 1.42
C PRO A 244 15.41 14.42 -0.02
N ALA A 245 15.13 13.27 -0.63
CA ALA A 245 15.54 13.04 -2.00
C ALA A 245 14.39 13.31 -2.96
N GLY A 246 13.24 13.75 -2.42
CA GLY A 246 12.07 14.02 -3.23
C GLY A 246 11.41 12.79 -3.84
N VAL A 247 11.55 11.64 -3.19
CA VAL A 247 10.96 10.39 -3.68
C VAL A 247 9.75 10.01 -2.80
N PRO A 248 8.57 9.84 -3.42
CA PRO A 248 7.33 9.51 -2.70
C PRO A 248 7.39 8.11 -2.10
N VAL A 249 6.76 7.93 -0.94
CA VAL A 249 6.66 6.65 -0.28
C VAL A 249 5.22 6.13 -0.38
N ILE A 250 5.08 4.87 -0.77
CA ILE A 250 3.81 4.19 -0.84
C ILE A 250 3.71 3.28 0.38
N ALA A 251 2.72 3.53 1.25
CA ALA A 251 2.51 2.70 2.44
C ALA A 251 1.67 1.47 2.08
N ASP A 252 2.29 0.28 2.14
CA ASP A 252 1.67 -0.93 1.59
C ASP A 252 1.38 -1.99 2.65
N GLY A 253 0.11 -2.22 2.95
CA GLY A 253 -0.26 -3.31 3.84
C GLY A 253 -0.62 -2.86 5.25
N GLY A 254 -1.57 -3.57 5.87
CA GLY A 254 -1.88 -3.33 7.26
C GLY A 254 -3.01 -2.34 7.50
N LEU A 255 -3.47 -1.69 6.44
CA LEU A 255 -4.56 -0.70 6.57
C LEU A 255 -5.92 -1.37 6.60
N GLN A 256 -6.75 -1.02 7.58
CA GLN A 256 -8.05 -1.65 7.75
C GLN A 256 -9.20 -0.65 7.90
N TYR A 257 -8.88 0.60 8.19
CA TYR A 257 -9.93 1.63 8.38
C TYR A 257 -9.50 2.91 7.67
N SER A 258 -10.46 3.75 7.32
CA SER A 258 -10.13 5.01 6.65
C SER A 258 -9.15 5.86 7.47
N GLY A 259 -9.25 5.80 8.80
CA GLY A 259 -8.30 6.51 9.65
C GLY A 259 -6.86 6.06 9.53
N ASP A 260 -6.67 4.79 9.17
CA ASP A 260 -5.33 4.24 8.94
C ASP A 260 -4.66 4.93 7.74
N ILE A 261 -5.47 5.29 6.75
CA ILE A 261 -4.92 5.96 5.57
C ILE A 261 -4.42 7.33 5.99
N ALA A 262 -5.19 8.02 6.83
CA ALA A 262 -4.76 9.32 7.30
C ALA A 262 -3.46 9.21 8.11
N LYS A 263 -3.37 8.19 8.97
CA LYS A 263 -2.16 7.98 9.77
C LYS A 263 -0.93 7.68 8.93
N ALA A 264 -1.07 6.84 7.91
CA ALA A 264 0.04 6.50 7.04
C ALA A 264 0.56 7.74 6.30
N LEU A 265 -0.34 8.57 5.79
CA LEU A 265 0.04 9.80 5.11
C LEU A 265 0.67 10.80 6.08
N ALA A 266 0.08 10.98 7.26
CA ALA A 266 0.69 11.86 8.25
C ALA A 266 2.09 11.40 8.69
N ALA A 267 2.34 10.10 8.67
CA ALA A 267 3.69 9.59 8.96
C ALA A 267 4.65 9.91 7.80
N GLY A 268 4.10 10.37 6.68
CA GLY A 268 4.94 10.87 5.60
C GLY A 268 4.78 10.15 4.29
N ALA A 269 4.01 9.06 4.26
CA ALA A 269 3.72 8.43 2.96
C ALA A 269 2.92 9.41 2.09
N SER A 270 2.97 9.20 0.76
CA SER A 270 2.24 10.02 -0.19
C SER A 270 1.01 9.29 -0.73
N THR A 271 1.04 7.96 -0.69
CA THR A 271 -0.09 7.14 -1.10
C THR A 271 -0.12 5.89 -0.24
N ALA A 272 -1.25 5.17 -0.29
CA ALA A 272 -1.42 3.92 0.44
C ALA A 272 -1.88 2.87 -0.52
N MET A 273 -1.32 1.68 -0.38
CA MET A 273 -1.73 0.53 -1.17
C MET A 273 -2.60 -0.38 -0.32
N LEU A 274 -3.72 -0.83 -0.89
CA LEU A 274 -4.75 -1.58 -0.17
C LEU A 274 -5.04 -2.92 -0.83
N GLY A 275 -5.05 -4.00 -0.06
CA GLY A 275 -5.48 -5.28 -0.60
C GLY A 275 -6.78 -5.70 0.02
N SER A 276 -6.72 -6.03 1.32
CA SER A 276 -7.87 -6.46 2.08
C SER A 276 -9.10 -5.57 1.92
N LEU A 277 -8.91 -4.26 2.03
CA LEU A 277 -10.04 -3.31 1.95
C LEU A 277 -10.73 -3.29 0.58
N LEU A 278 -10.04 -3.76 -0.44
CA LEU A 278 -10.59 -3.76 -1.80
C LEU A 278 -10.96 -5.14 -2.33
N ALA A 279 -10.42 -6.19 -1.70
CA ALA A 279 -10.63 -7.55 -2.17
C ALA A 279 -12.08 -7.94 -2.09
N GLY A 280 -12.83 -7.31 -1.19
CA GLY A 280 -14.23 -7.69 -1.06
C GLY A 280 -15.16 -6.99 -2.06
N THR A 281 -14.63 -6.12 -2.90
CA THR A 281 -15.48 -5.32 -3.78
C THR A 281 -15.88 -6.07 -5.05
N ALA A 282 -16.92 -5.57 -5.72
CA ALA A 282 -17.46 -6.19 -6.91
C ALA A 282 -16.39 -6.34 -8.00
N GLU A 283 -15.47 -5.40 -8.05
CA GLU A 283 -14.48 -5.30 -9.14
C GLU A 283 -13.26 -6.21 -8.93
N ALA A 284 -13.04 -6.65 -7.68
CA ALA A 284 -11.93 -7.58 -7.43
C ALA A 284 -12.24 -8.93 -8.10
N PRO A 285 -11.20 -9.60 -8.61
CA PRO A 285 -11.37 -10.92 -9.24
C PRO A 285 -11.86 -11.92 -8.20
N GLY A 286 -12.64 -12.92 -8.62
CA GLY A 286 -13.26 -13.82 -7.68
C GLY A 286 -14.77 -13.85 -7.83
N GLU A 287 -15.35 -15.03 -7.66
CA GLU A 287 -16.80 -15.16 -7.57
C GLU A 287 -17.24 -14.95 -6.13
N LEU A 288 -18.49 -14.53 -5.94
CA LEU A 288 -19.01 -14.38 -4.59
C LEU A 288 -19.15 -15.75 -3.92
N ILE A 289 -18.66 -15.85 -2.68
CA ILE A 289 -18.85 -17.06 -1.89
C ILE A 289 -20.03 -16.87 -0.94
N PHE A 290 -20.93 -17.84 -0.91
CA PHE A 290 -22.14 -17.73 -0.08
C PHE A 290 -22.14 -18.77 1.03
N VAL A 291 -21.42 -18.48 2.10
CA VAL A 291 -21.32 -19.38 3.24
C VAL A 291 -22.30 -18.99 4.34
N ASN A 292 -23.18 -19.92 4.70
CA ASN A 292 -24.05 -19.76 5.86
C ASN A 292 -24.75 -18.40 5.91
N GLY A 293 -25.57 -18.12 4.91
CA GLY A 293 -26.33 -16.89 4.88
C GLY A 293 -25.59 -15.61 4.55
N LYS A 294 -24.25 -15.67 4.47
CA LYS A 294 -23.48 -14.46 4.21
C LYS A 294 -22.70 -14.51 2.90
N GLN A 295 -22.16 -13.34 2.49
CA GLN A 295 -21.42 -13.24 1.23
C GLN A 295 -19.96 -12.85 1.39
N TYR A 296 -19.09 -13.57 0.70
CA TYR A 296 -17.65 -13.36 0.81
C TYR A 296 -16.97 -13.44 -0.56
N LYS A 297 -15.72 -12.99 -0.62
CA LYS A 297 -14.86 -13.21 -1.78
C LYS A 297 -13.52 -13.74 -1.30
N SER A 298 -12.91 -14.61 -2.10
CA SER A 298 -11.61 -15.15 -1.69
C SER A 298 -10.55 -14.07 -1.74
N TYR A 299 -9.61 -14.17 -0.80
CA TYR A 299 -8.50 -13.25 -0.72
C TYR A 299 -7.28 -14.05 -0.20
N ARG A 300 -6.14 -13.96 -0.88
CA ARG A 300 -5.03 -14.82 -0.53
C ARG A 300 -3.72 -14.13 -0.80
N GLY A 301 -2.73 -14.48 0.01
CA GLY A 301 -1.40 -13.94 -0.18
C GLY A 301 -0.83 -14.46 -1.48
N MET A 302 0.02 -13.65 -2.11
CA MET A 302 0.72 -14.08 -3.32
C MET A 302 1.84 -15.07 -2.98
N GLY A 303 2.19 -15.14 -1.69
CA GLY A 303 3.15 -16.12 -1.20
C GLY A 303 2.47 -17.32 -0.55
N SER A 304 1.15 -17.45 -0.73
CA SER A 304 0.43 -18.63 -0.22
C SER A 304 0.65 -19.80 -1.16
N LEU A 305 0.44 -21.02 -0.68
CA LEU A 305 0.56 -22.22 -1.51
C LEU A 305 -0.34 -22.13 -2.73
N GLY A 306 -1.58 -21.72 -2.53
CA GLY A 306 -2.55 -21.60 -3.60
C GLY A 306 -2.13 -20.66 -4.72
N ALA A 307 -1.60 -19.49 -4.36
CA ALA A 307 -1.11 -18.55 -5.37
C ALA A 307 0.14 -19.10 -6.08
N MET A 308 1.05 -19.69 -5.32
CA MET A 308 2.29 -20.22 -5.94
C MET A 308 2.03 -21.43 -6.82
N ARG A 309 0.84 -22.03 -6.73
CA ARG A 309 0.53 -23.18 -7.58
C ARG A 309 -0.41 -22.83 -8.72
N LYS A 332 9.00 -29.13 -1.21
CA LYS A 332 7.77 -28.47 -0.78
C LYS A 332 8.03 -27.00 -0.45
N LEU A 333 7.18 -26.13 -0.99
CA LEU A 333 7.28 -24.70 -0.74
C LEU A 333 7.12 -24.36 0.76
N VAL A 334 7.72 -23.25 1.16
CA VAL A 334 7.55 -22.68 2.49
C VAL A 334 6.86 -21.33 2.32
N PRO A 335 5.55 -21.33 2.44
CA PRO A 335 4.76 -20.14 2.10
C PRO A 335 4.95 -19.01 3.12
N GLU A 336 4.65 -17.79 2.69
CA GLU A 336 4.68 -16.63 3.57
C GLU A 336 3.36 -15.86 3.50
N GLY A 337 2.29 -16.57 3.17
CA GLY A 337 0.97 -16.00 3.18
C GLY A 337 -0.07 -17.09 3.38
N ILE A 338 -1.30 -16.69 3.64
CA ILE A 338 -2.39 -17.65 3.79
C ILE A 338 -3.49 -17.41 2.78
N GLU A 339 -4.41 -18.37 2.72
CA GLU A 339 -5.56 -18.31 1.84
C GLU A 339 -6.80 -18.14 2.70
N GLY A 340 -7.66 -17.22 2.30
CA GLY A 340 -8.87 -16.97 3.06
C GLY A 340 -9.97 -16.26 2.30
N ARG A 341 -10.83 -15.58 3.07
CA ARG A 341 -11.96 -14.87 2.49
C ARG A 341 -12.27 -13.64 3.32
N VAL A 342 -12.84 -12.64 2.67
CA VAL A 342 -13.27 -11.41 3.31
C VAL A 342 -14.73 -11.16 2.98
N PRO A 343 -15.43 -10.40 3.84
CA PRO A 343 -16.82 -10.07 3.53
C PRO A 343 -16.95 -9.34 2.18
N PHE A 344 -18.00 -9.67 1.44
CA PHE A 344 -18.34 -8.89 0.26
C PHE A 344 -18.74 -7.46 0.64
N ARG A 345 -18.21 -6.48 -0.08
CA ARG A 345 -18.42 -5.07 0.29
C ARG A 345 -19.09 -4.21 -0.78
N GLY A 346 -19.51 -4.79 -1.89
CA GLY A 346 -20.26 -4.02 -2.87
C GLY A 346 -19.35 -3.27 -3.83
N PRO A 347 -19.90 -2.26 -4.52
CA PRO A 347 -19.13 -1.54 -5.54
C PRO A 347 -17.89 -0.84 -5.00
N LEU A 348 -16.79 -0.95 -5.73
CA LEU A 348 -15.57 -0.23 -5.39
C LEU A 348 -15.79 1.27 -5.15
N SER A 349 -16.59 1.92 -6.00
CA SER A 349 -16.80 3.36 -5.89
C SER A 349 -17.29 3.76 -4.49
N SER A 350 -18.18 2.95 -3.91
CA SER A 350 -18.73 3.28 -2.61
C SER A 350 -17.71 3.08 -1.49
N VAL A 351 -16.85 2.06 -1.62
CA VAL A 351 -15.78 1.88 -0.65
C VAL A 351 -14.80 3.05 -0.70
N ILE A 352 -14.43 3.48 -1.91
CA ILE A 352 -13.46 4.54 -2.05
C ILE A 352 -14.05 5.87 -1.51
N HIS A 353 -15.35 6.07 -1.71
CA HIS A 353 -16.02 7.27 -1.18
C HIS A 353 -15.93 7.32 0.35
N GLN A 354 -16.08 6.17 0.98
CA GLN A 354 -16.00 6.08 2.44
C GLN A 354 -14.57 6.32 2.90
N LEU A 355 -13.61 5.74 2.20
CA LEU A 355 -12.21 5.91 2.55
C LEU A 355 -11.78 7.37 2.39
N THR A 356 -12.13 7.98 1.26
CA THR A 356 -11.75 9.38 1.04
C THR A 356 -12.48 10.33 1.97
N GLY A 357 -13.73 10.00 2.33
CA GLY A 357 -14.47 10.79 3.30
C GLY A 357 -13.81 10.81 4.67
N GLY A 358 -13.34 9.65 5.12
CA GLY A 358 -12.59 9.55 6.36
C GLY A 358 -11.27 10.29 6.30
N LEU A 359 -10.55 10.20 5.17
CA LEU A 359 -9.34 10.99 4.99
C LEU A 359 -9.65 12.49 5.00
N ARG A 360 -10.68 12.91 4.28
CA ARG A 360 -11.05 14.34 4.32
C ARG A 360 -11.41 14.82 5.74
N ALA A 361 -12.11 14.00 6.49
CA ALA A 361 -12.39 14.34 7.89
C ALA A 361 -11.08 14.60 8.68
N ALA A 362 -10.11 13.70 8.49
CA ALA A 362 -8.81 13.83 9.16
C ALA A 362 -8.11 15.13 8.76
N MET A 363 -8.17 15.46 7.48
CA MET A 363 -7.59 16.72 7.02
C MET A 363 -8.27 17.90 7.67
N GLY A 364 -9.60 17.87 7.80
CA GLY A 364 -10.27 18.97 8.49
C GLY A 364 -9.87 19.09 9.96
N TYR A 365 -9.74 17.95 10.61
CA TYR A 365 -9.38 17.92 12.04
C TYR A 365 -7.97 18.44 12.32
N THR A 366 -7.05 18.13 11.40
CA THR A 366 -5.65 18.51 11.54
C THR A 366 -5.33 19.84 10.84
N GLY A 367 -6.34 20.50 10.27
CA GLY A 367 -6.11 21.77 9.61
C GLY A 367 -5.24 21.65 8.37
N SER A 368 -5.38 20.54 7.65
CA SER A 368 -4.53 20.25 6.47
C SER A 368 -5.27 20.51 5.17
N PRO A 369 -4.94 21.58 4.43
CA PRO A 369 -5.67 21.78 3.17
C PRO A 369 -5.24 20.80 2.06
N THR A 370 -4.04 20.23 2.21
CA THR A 370 -3.45 19.39 1.18
C THR A 370 -2.77 18.20 1.85
N ILE A 371 -2.48 17.16 1.10
CA ILE A 371 -1.80 16.00 1.65
C ILE A 371 -0.41 16.42 2.12
N GLU A 372 0.22 17.34 1.41
CA GLU A 372 1.54 17.82 1.81
C GLU A 372 1.54 18.41 3.22
N VAL A 373 0.46 19.08 3.61
CA VAL A 373 0.35 19.60 4.98
C VAL A 373 -0.02 18.49 5.97
N LEU A 374 -0.83 17.52 5.53
CA LEU A 374 -1.17 16.38 6.40
C LEU A 374 0.09 15.62 6.83
N GLN A 375 1.07 15.61 5.95
CA GLN A 375 2.32 14.91 6.20
C GLN A 375 3.09 15.59 7.33
N GLN A 376 2.67 16.79 7.73
CA GLN A 376 3.30 17.49 8.85
C GLN A 376 2.56 17.35 10.19
N ALA A 377 1.48 16.57 10.23
CA ALA A 377 0.67 16.45 11.44
C ALA A 377 1.41 15.69 12.54
N GLN A 378 0.90 15.76 13.77
CA GLN A 378 1.55 15.12 14.90
C GLN A 378 0.72 13.98 15.42
N PHE A 379 1.39 13.00 16.04
CA PHE A 379 0.73 11.87 16.70
C PHE A 379 0.80 11.99 18.19
N VAL A 380 -0.13 11.32 18.85
CA VAL A 380 0.02 10.90 20.25
C VAL A 380 0.06 9.36 20.26
N ARG A 381 0.97 8.80 21.06
N ARG A 381 0.99 8.79 21.03
CA ARG A 381 1.06 7.35 21.24
CA ARG A 381 1.02 7.35 21.19
C ARG A 381 0.04 6.92 22.29
C ARG A 381 -0.03 6.95 22.23
N ILE A 382 -0.61 5.78 22.10
CA ILE A 382 -1.69 5.38 23.00
C ILE A 382 -1.48 3.98 23.57
N THR A 383 -2.21 3.68 24.64
CA THR A 383 -2.12 2.38 25.31
C THR A 383 -3.24 1.46 24.83
N PRO A 384 -3.23 0.18 25.28
CA PRO A 384 -4.38 -0.66 24.95
C PRO A 384 -5.74 -0.07 25.40
N ALA A 385 -5.75 0.62 26.54
CA ALA A 385 -6.99 1.27 26.99
C ALA A 385 -7.40 2.36 26.02
N GLY A 386 -6.41 3.08 25.50
CA GLY A 386 -6.68 4.14 24.54
C GLY A 386 -7.31 3.57 23.29
N LEU A 387 -6.86 2.40 22.89
CA LEU A 387 -7.35 1.80 21.65
C LEU A 387 -8.80 1.32 21.85
N LYS A 388 -9.08 0.72 23.01
CA LYS A 388 -10.45 0.30 23.30
C LYS A 388 -11.40 1.49 23.33
N GLU A 389 -10.92 2.59 23.89
CA GLU A 389 -11.73 3.81 23.97
C GLU A 389 -11.94 4.42 22.57
N SER A 390 -10.99 4.21 21.64
CA SER A 390 -11.08 4.77 20.30
C SER A 390 -12.18 4.10 19.50
N HIS A 391 -12.28 2.78 19.61
CA HIS A 391 -13.37 2.07 18.96
C HIS A 391 -14.69 2.34 19.70
N PRO A 392 -15.84 2.05 19.07
CA PRO A 392 -17.03 1.97 19.91
C PRO A 392 -16.79 0.94 20.99
N HIS A 393 -17.37 1.16 22.16
CA HIS A 393 -17.16 0.30 23.32
C HIS A 393 -18.42 0.31 24.18
N ASP A 394 -18.68 -0.79 24.89
CA ASP A 394 -19.78 -0.87 25.87
C ASP A 394 -21.13 -0.58 25.25
N VAL A 395 -21.28 -0.90 23.97
CA VAL A 395 -22.57 -0.74 23.32
C VAL A 395 -22.74 -1.92 22.36
N ALA A 396 -23.97 -2.40 22.21
CA ALA A 396 -24.25 -3.38 21.20
C ALA A 396 -24.70 -2.68 19.91
N MET A 397 -23.89 -2.82 18.87
CA MET A 397 -24.19 -2.31 17.55
C MET A 397 -25.40 -3.04 16.96
N THR A 398 -26.42 -2.29 16.55
CA THR A 398 -27.64 -2.89 16.02
C THR A 398 -27.83 -2.68 14.52
N VAL A 399 -27.06 -1.74 13.96
CA VAL A 399 -27.16 -1.40 12.55
C VAL A 399 -25.74 -1.33 11.98
N GLU A 400 -25.55 -1.81 10.77
CA GLU A 400 -24.26 -1.71 10.11
C GLU A 400 -23.98 -0.27 9.72
N ALA A 401 -22.75 0.17 9.91
CA ALA A 401 -22.32 1.46 9.37
C ALA A 401 -21.54 1.18 8.09
N PRO A 402 -21.58 2.12 7.11
CA PRO A 402 -20.88 1.86 5.86
C PRO A 402 -19.35 1.95 6.00
N ASN A 403 -18.84 2.52 7.09
CA ASN A 403 -17.40 2.68 7.26
C ASN A 403 -16.92 2.07 8.58
N TYR A 404 -17.75 1.23 9.19
CA TYR A 404 -17.35 0.54 10.43
C TYR A 404 -18.09 -0.79 10.67
N TYR A 405 -17.30 -1.87 10.78
CA TYR A 405 -17.75 -3.17 11.28
C TYR A 405 -16.77 -3.60 12.38
N ALA A 406 -17.27 -4.15 13.48
CA ALA A 406 -16.40 -4.59 14.58
C ALA A 406 -15.62 -5.85 14.21
#